data_4MZF
#
_entry.id   4MZF
#
_cell.length_a   120.679
_cell.length_b   43.309
_cell.length_c   50.150
_cell.angle_alpha   90.00
_cell.angle_beta   90.00
_cell.angle_gamma   90.00
#
_symmetry.space_group_name_H-M   'P 21 21 2'
#
loop_
_entity.id
_entity.type
_entity.pdbx_description
1 polymer 'Peptide from Histone H3.2'
2 polymer Spindlin-1
3 non-polymer 'CHLORIDE ION'
4 non-polymer 'MAGNESIUM ION'
5 water water
#
loop_
_entity_poly.entity_id
_entity_poly.type
_entity_poly.pdbx_seq_one_letter_code
_entity_poly.pdbx_strand_id
1 'polypeptide(L)' ART(M3L)QTA(DA2)K A
2 'polypeptide(L)'
;GSSHHHHHHGSRRNIVGCRIQHGWKEGNGPVTQWKGTVLDQVPVNPSLYLIKYDGFDCVYGLELNKDERVSALEVLPDRV
ATSRISDAHLADTMIGKAVEHMFETEDGSKDEWRGMVLARAPVMNTWFYITYEKDPVLYMYQLLDDYKEGDLRIMPDSND
SPPAEREPGEVVDSLVGKQVEYAKEDGSKRTGMVIHQVEAKPSVYFIKFDDDFHIYVYDLVKTS
;
B
#
# COMPACT_ATOMS: atom_id res chain seq x y z
N ALA A 1 9.59 5.27 19.91
CA ALA A 1 8.81 5.50 18.70
C ALA A 1 9.50 4.89 17.48
N ARG A 2 8.72 4.60 16.44
CA ARG A 2 9.25 4.11 15.17
C ARG A 2 10.24 5.09 14.58
N THR A 3 11.15 4.57 13.77
CA THR A 3 12.04 5.40 12.99
C THR A 3 11.63 5.34 11.52
N GLN A 5 11.96 5.15 7.62
CA GLN A 5 12.85 4.38 6.73
C GLN A 5 13.29 5.16 5.51
N THR A 6 14.50 4.86 5.06
CA THR A 6 14.90 5.21 3.70
C THR A 6 14.21 4.20 2.80
N ALA A 7 13.76 4.65 1.64
CA ALA A 7 13.03 3.78 0.74
C ALA A 7 13.52 3.97 -0.69
N LYS A 9 13.78 4.53 -4.69
CA LYS A 9 13.19 5.25 -5.83
C LYS A 9 12.57 6.60 -5.46
N GLY B 1 1.40 -17.15 -11.96
CA GLY B 1 1.55 -16.56 -13.27
C GLY B 1 0.26 -16.57 -14.08
N SER B 2 0.28 -15.89 -15.23
CA SER B 2 -0.83 -15.97 -16.19
C SER B 2 -0.58 -17.15 -17.12
N SER B 3 -1.51 -18.10 -17.14
CA SER B 3 -1.32 -19.33 -17.91
C SER B 3 -2.17 -19.32 -19.18
N HIS B 4 -1.51 -19.27 -20.33
CA HIS B 4 -2.13 -19.20 -21.65
C HIS B 4 -3.15 -20.32 -21.85
N HIS B 5 -4.35 -19.98 -22.29
CA HIS B 5 -5.36 -21.03 -22.52
C HIS B 5 -6.20 -20.99 -23.83
N HIS B 6 -5.66 -20.65 -25.01
CA HIS B 6 -4.35 -20.03 -25.24
C HIS B 6 -4.52 -18.65 -25.90
N HIS B 7 -5.06 -18.65 -27.12
CA HIS B 7 -5.05 -17.47 -28.01
C HIS B 7 -5.63 -16.16 -27.45
N HIS B 8 -6.85 -16.22 -26.93
CA HIS B 8 -7.47 -15.04 -26.36
C HIS B 8 -7.67 -15.18 -24.84
N HIS B 9 -7.31 -16.35 -24.31
CA HIS B 9 -7.61 -16.70 -22.91
C HIS B 9 -6.35 -16.96 -22.07
N GLY B 10 -6.38 -16.52 -20.82
CA GLY B 10 -5.37 -16.87 -19.84
C GLY B 10 -6.00 -17.07 -18.46
N SER B 11 -5.50 -18.04 -17.71
CA SER B 11 -6.00 -18.28 -16.36
C SER B 11 -4.97 -17.84 -15.31
N ARG B 12 -5.44 -17.47 -14.13
CA ARG B 12 -4.50 -17.17 -13.03
C ARG B 12 -5.06 -17.55 -11.66
N ARG B 13 -4.15 -17.91 -10.76
CA ARG B 13 -4.51 -18.20 -9.39
C ARG B 13 -5.06 -16.96 -8.73
N ASN B 14 -5.98 -17.16 -7.79
CA ASN B 14 -6.43 -16.10 -6.92
C ASN B 14 -5.38 -15.96 -5.83
N ILE B 15 -4.58 -14.90 -5.87
CA ILE B 15 -3.42 -14.80 -4.97
C ILE B 15 -3.59 -13.78 -3.83
N VAL B 16 -4.73 -13.10 -3.80
CA VAL B 16 -5.05 -12.22 -2.68
C VAL B 16 -5.07 -13.02 -1.36
N GLY B 17 -4.27 -12.60 -0.38
CA GLY B 17 -4.19 -13.30 0.89
C GLY B 17 -2.97 -14.21 0.98
N CYS B 18 -2.24 -14.30 -0.13
CA CYS B 18 -1.11 -15.23 -0.23
C CYS B 18 0.21 -14.53 0.08
N ARG B 19 1.15 -15.32 0.59
CA ARG B 19 2.53 -14.92 0.71
C ARG B 19 3.24 -15.17 -0.62
N ILE B 20 4.10 -14.24 -1.01
CA ILE B 20 4.85 -14.37 -2.25
C ILE B 20 6.32 -14.05 -2.04
N GLN B 21 7.16 -14.49 -2.97
CA GLN B 21 8.54 -14.03 -3.06
C GLN B 21 8.92 -13.95 -4.52
N HIS B 22 9.71 -12.95 -4.87
CA HIS B 22 10.13 -12.76 -6.26
C HIS B 22 11.36 -11.89 -6.30
N GLY B 23 12.10 -11.98 -7.40
CA GLY B 23 13.16 -11.04 -7.68
C GLY B 23 12.59 -9.82 -8.39
N TRP B 24 13.36 -8.75 -8.36
CA TRP B 24 12.99 -7.51 -9.03
C TRP B 24 14.22 -6.96 -9.75
N LYS B 25 14.08 -6.65 -11.03
CA LYS B 25 15.24 -6.21 -11.82
C LYS B 25 15.29 -4.71 -11.82
N GLU B 26 16.13 -4.15 -10.95
CA GLU B 26 16.36 -2.72 -10.92
C GLU B 26 16.87 -2.31 -12.32
N GLY B 27 16.38 -1.20 -12.84
CA GLY B 27 16.72 -0.79 -14.20
C GLY B 27 18.22 -0.61 -14.33
N ASN B 28 18.85 -1.46 -15.16
CA ASN B 28 20.30 -1.46 -15.34
C ASN B 28 21.05 -1.73 -14.03
N GLY B 29 20.37 -2.36 -13.08
CA GLY B 29 20.93 -2.60 -11.77
C GLY B 29 20.87 -4.07 -11.46
N PRO B 30 21.18 -4.46 -10.22
CA PRO B 30 21.14 -5.87 -9.87
C PRO B 30 19.70 -6.34 -9.69
N VAL B 31 19.54 -7.65 -9.50
CA VAL B 31 18.28 -8.20 -9.05
C VAL B 31 18.17 -8.06 -7.53
N THR B 32 17.05 -7.52 -7.04
CA THR B 32 16.79 -7.51 -5.60
C THR B 32 15.73 -8.54 -5.24
N GLN B 33 15.79 -9.07 -4.02
CA GLN B 33 14.87 -10.11 -3.53
C GLN B 33 13.84 -9.53 -2.57
N TRP B 34 12.60 -10.04 -2.68
CA TRP B 34 11.46 -9.46 -2.00
C TRP B 34 10.54 -10.55 -1.48
N LYS B 35 9.99 -10.34 -0.30
CA LYS B 35 8.92 -11.21 0.17
C LYS B 35 7.86 -10.41 0.87
N GLY B 36 6.61 -10.79 0.65
CA GLY B 36 5.53 -10.01 1.16
C GLY B 36 4.22 -10.72 1.07
N THR B 37 3.17 -9.93 1.24
CA THR B 37 1.83 -10.42 1.37
C THR B 37 0.95 -9.67 0.37
N VAL B 38 0.23 -10.39 -0.47
CA VAL B 38 -0.73 -9.73 -1.37
C VAL B 38 -2.01 -9.33 -0.63
N LEU B 39 -2.32 -8.04 -0.63
CA LEU B 39 -3.47 -7.53 0.15
C LEU B 39 -4.76 -7.41 -0.65
N ASP B 40 -4.64 -7.11 -1.94
CA ASP B 40 -5.80 -6.76 -2.73
C ASP B 40 -5.48 -6.85 -4.21
N GLN B 41 -6.53 -7.01 -5.01
CA GLN B 41 -6.48 -6.95 -6.46
C GLN B 41 -7.45 -5.84 -6.85
N VAL B 42 -7.00 -4.87 -7.62
CA VAL B 42 -7.78 -3.66 -7.93
C VAL B 42 -8.85 -3.90 -8.98
N PRO B 43 -10.12 -3.68 -8.64
CA PRO B 43 -11.24 -3.95 -9.56
C PRO B 43 -11.12 -3.24 -10.92
N VAL B 44 -10.82 -1.95 -10.97
CA VAL B 44 -10.68 -1.27 -12.26
C VAL B 44 -9.51 -1.72 -13.12
N ASN B 45 -8.56 -2.43 -12.51
CA ASN B 45 -7.40 -2.97 -13.24
C ASN B 45 -6.94 -4.26 -12.57
N PRO B 46 -7.62 -5.37 -12.89
CA PRO B 46 -7.44 -6.63 -12.16
C PRO B 46 -6.05 -7.23 -12.24
N SER B 47 -5.17 -6.73 -13.10
CA SER B 47 -3.80 -7.22 -13.07
C SER B 47 -2.91 -6.44 -12.07
N LEU B 48 -3.47 -5.41 -11.44
CA LEU B 48 -2.73 -4.66 -10.44
C LEU B 48 -3.04 -5.17 -9.04
N TYR B 49 -1.98 -5.53 -8.30
CA TYR B 49 -2.10 -6.01 -6.93
C TYR B 49 -1.48 -5.02 -5.96
N LEU B 50 -2.04 -4.92 -4.75
CA LEU B 50 -1.43 -4.11 -3.70
C LEU B 50 -0.68 -5.06 -2.78
N ILE B 51 0.57 -4.73 -2.46
CA ILE B 51 1.46 -5.66 -1.77
C ILE B 51 2.15 -5.00 -0.58
N LYS B 52 2.24 -5.72 0.52
CA LYS B 52 3.02 -5.26 1.66
C LYS B 52 4.22 -6.18 1.80
N TYR B 53 5.43 -5.65 1.62
CA TYR B 53 6.66 -6.42 1.74
C TYR B 53 7.18 -6.38 3.16
N ASP B 54 7.71 -7.49 3.64
CA ASP B 54 8.23 -7.58 5.01
C ASP B 54 9.36 -6.58 5.18
N GLY B 55 9.23 -5.66 6.14
CA GLY B 55 10.31 -4.75 6.46
C GLY B 55 10.27 -3.47 5.64
N PHE B 56 9.19 -3.27 4.91
CA PHE B 56 9.06 -2.08 4.06
C PHE B 56 7.69 -1.44 4.32
N ASP B 57 7.70 -0.18 4.75
CA ASP B 57 6.51 0.47 5.28
C ASP B 57 5.46 0.88 4.22
N CYS B 58 5.88 1.09 2.98
CA CYS B 58 4.95 1.53 1.94
C CYS B 58 4.17 0.35 1.37
N VAL B 59 2.94 0.60 0.99
CA VAL B 59 2.17 -0.36 0.22
C VAL B 59 2.44 -0.10 -1.26
N TYR B 60 2.82 -1.15 -1.99
CA TYR B 60 3.16 -1.03 -3.41
C TYR B 60 2.10 -1.62 -4.35
N GLY B 61 2.01 -1.04 -5.54
CA GLY B 61 1.14 -1.58 -6.56
C GLY B 61 2.01 -2.12 -7.66
N LEU B 62 1.91 -3.42 -7.95
CA LEU B 62 2.65 -4.05 -9.04
C LEU B 62 1.74 -4.97 -9.83
N GLU B 63 1.94 -4.98 -11.14
CA GLU B 63 1.28 -5.97 -11.97
C GLU B 63 2.13 -7.22 -11.98
N LEU B 64 1.99 -8.01 -10.91
CA LEU B 64 2.84 -9.13 -10.61
C LEU B 64 3.01 -10.15 -11.75
N ASN B 65 1.95 -10.37 -12.52
CA ASN B 65 2.00 -11.39 -13.58
C ASN B 65 2.48 -10.84 -14.92
N LYS B 66 2.46 -9.52 -15.08
CA LYS B 66 2.78 -8.89 -16.36
C LYS B 66 4.05 -8.02 -16.38
N ASP B 67 4.45 -7.47 -15.24
CA ASP B 67 5.58 -6.56 -15.19
C ASP B 67 6.87 -7.34 -15.43
N GLU B 68 7.66 -6.91 -16.40
CA GLU B 68 8.80 -7.73 -16.82
C GLU B 68 9.98 -7.63 -15.85
N ARG B 69 9.94 -6.65 -14.95
CA ARG B 69 10.95 -6.50 -13.92
C ARG B 69 10.82 -7.57 -12.81
N VAL B 70 9.65 -8.18 -12.71
CA VAL B 70 9.42 -9.27 -11.75
C VAL B 70 9.92 -10.60 -12.30
N SER B 71 10.72 -11.31 -11.51
CA SER B 71 11.21 -12.63 -11.90
C SER B 71 11.12 -13.67 -10.79
N ALA B 72 11.06 -14.95 -11.20
CA ALA B 72 11.01 -16.06 -10.27
C ALA B 72 9.90 -15.87 -9.23
N LEU B 73 8.74 -15.43 -9.69
CA LEU B 73 7.62 -15.18 -8.79
C LEU B 73 7.14 -16.50 -8.20
N GLU B 74 7.15 -16.58 -6.87
CA GLU B 74 6.75 -17.78 -6.16
C GLU B 74 5.57 -17.45 -5.26
N VAL B 75 4.45 -18.16 -5.46
CA VAL B 75 3.32 -18.05 -4.54
C VAL B 75 3.42 -19.19 -3.53
N LEU B 76 3.52 -18.85 -2.24
CA LEU B 76 3.79 -19.85 -1.21
C LEU B 76 2.50 -20.47 -0.68
N PRO B 77 2.60 -21.70 -0.15
CA PRO B 77 1.41 -22.29 0.50
C PRO B 77 1.16 -21.70 1.89
N ASP B 78 2.05 -20.84 2.37
CA ASP B 78 1.94 -20.32 3.74
C ASP B 78 0.59 -19.66 4.03
N ARG B 79 0.02 -19.99 5.18
CA ARG B 79 -1.29 -19.45 5.54
C ARG B 79 -1.14 -18.26 6.49
N VAL B 80 -1.55 -17.09 6.04
CA VAL B 80 -1.53 -15.90 6.90
C VAL B 80 -2.62 -16.04 7.93
N ALA B 81 -2.27 -15.83 9.20
CA ALA B 81 -3.23 -15.97 10.29
C ALA B 81 -4.33 -14.94 10.13
N THR B 82 -5.58 -15.36 10.25
CA THR B 82 -6.63 -14.39 10.43
C THR B 82 -6.77 -14.18 11.93
N SER B 83 -6.14 -13.11 12.41
CA SER B 83 -6.14 -12.80 13.83
C SER B 83 -7.42 -12.06 14.16
N ARG B 84 -7.94 -12.27 15.36
CA ARG B 84 -9.03 -11.42 15.83
C ARG B 84 -8.41 -10.34 16.70
N ILE B 85 -8.37 -9.13 16.16
CA ILE B 85 -7.58 -8.02 16.71
C ILE B 85 -7.76 -7.77 18.22
N SER B 86 -6.75 -7.14 18.82
CA SER B 86 -6.72 -6.89 20.27
C SER B 86 -8.01 -6.24 20.74
N ASP B 87 -8.40 -5.19 20.02
CA ASP B 87 -9.60 -4.44 20.34
C ASP B 87 -10.24 -3.99 19.03
N ALA B 88 -11.24 -4.75 18.57
CA ALA B 88 -11.94 -4.39 17.35
C ALA B 88 -12.56 -2.99 17.48
N HIS B 89 -13.18 -2.72 18.62
CA HIS B 89 -13.78 -1.41 18.88
C HIS B 89 -12.81 -0.25 18.73
N LEU B 90 -11.66 -0.34 19.38
CA LEU B 90 -10.65 0.70 19.28
C LEU B 90 -10.12 0.86 17.85
N ALA B 91 -9.95 -0.26 17.15
CA ALA B 91 -9.49 -0.23 15.77
C ALA B 91 -10.50 0.49 14.88
N ASP B 92 -11.78 0.11 15.01
CA ASP B 92 -12.82 0.53 14.10
C ASP B 92 -13.14 2.02 14.19
N THR B 93 -13.00 2.58 15.38
CA THR B 93 -13.26 4.00 15.55
C THR B 93 -12.05 4.84 15.15
N MET B 94 -10.89 4.21 15.07
CA MET B 94 -9.67 4.90 14.64
C MET B 94 -9.75 5.27 13.16
N ILE B 95 -10.63 4.59 12.43
CA ILE B 95 -10.74 4.74 10.97
C ILE B 95 -11.37 6.06 10.55
N GLY B 96 -10.72 6.75 9.62
CA GLY B 96 -11.21 8.02 9.12
C GLY B 96 -10.77 9.20 9.97
N LYS B 97 -9.95 8.95 11.00
CA LYS B 97 -9.53 10.01 11.92
C LYS B 97 -8.19 10.62 11.53
N ALA B 98 -8.09 11.93 11.71
CA ALA B 98 -6.80 12.61 11.63
C ALA B 98 -6.01 12.28 12.87
N VAL B 99 -4.69 12.17 12.74
CA VAL B 99 -3.87 11.70 13.85
C VAL B 99 -2.54 12.44 13.88
N GLU B 100 -1.87 12.43 15.02
CA GLU B 100 -0.48 12.87 15.09
C GLU B 100 0.33 11.63 15.39
N HIS B 101 1.21 11.29 14.47
CA HIS B 101 1.93 10.03 14.55
C HIS B 101 3.40 10.33 14.81
N MET B 102 3.83 10.01 16.02
CA MET B 102 5.19 10.31 16.44
C MET B 102 6.21 9.30 15.90
N PHE B 103 7.24 9.82 15.24
CA PHE B 103 8.39 9.01 14.87
C PHE B 103 9.57 9.64 15.59
N GLU B 104 10.70 8.95 15.61
CA GLU B 104 11.90 9.57 16.16
C GLU B 104 13.04 9.53 15.16
N THR B 105 13.85 10.58 15.17
CA THR B 105 14.93 10.73 14.21
C THR B 105 16.13 9.93 14.68
N GLU B 106 17.13 9.82 13.80
CA GLU B 106 18.43 9.26 14.17
C GLU B 106 18.93 10.00 15.41
N ASP B 107 18.71 11.32 15.42
CA ASP B 107 19.09 12.21 16.50
C ASP B 107 18.45 11.84 17.84
N GLY B 108 17.43 10.98 17.79
CA GLY B 108 16.71 10.58 18.99
C GLY B 108 15.68 11.62 19.40
N SER B 109 15.63 12.72 18.67
CA SER B 109 14.62 13.75 18.94
C SER B 109 13.29 13.36 18.33
N LYS B 110 12.22 13.96 18.83
CA LYS B 110 10.89 13.62 18.35
C LYS B 110 10.58 14.21 16.97
N ASP B 111 9.83 13.46 16.17
CA ASP B 111 9.40 13.93 14.86
C ASP B 111 7.94 13.56 14.67
N GLU B 112 7.06 14.54 14.77
CA GLU B 112 5.63 14.28 14.79
C GLU B 112 4.98 14.59 13.45
N TRP B 113 4.34 13.59 12.87
CA TRP B 113 3.76 13.70 11.53
C TRP B 113 2.25 13.64 11.59
N ARG B 114 1.60 14.67 11.04
CA ARG B 114 0.15 14.65 10.88
C ARG B 114 -0.28 13.65 9.78
N GLY B 115 -1.26 12.83 10.11
CA GLY B 115 -1.69 11.80 9.20
C GLY B 115 -3.18 11.56 9.22
N MET B 116 -3.61 10.61 8.42
CA MET B 116 -4.99 10.18 8.44
C MET B 116 -5.04 8.67 8.40
N VAL B 117 -5.76 8.06 9.33
CA VAL B 117 -5.94 6.63 9.31
C VAL B 117 -7.06 6.31 8.31
N LEU B 118 -6.79 5.46 7.33
CA LEU B 118 -7.70 5.33 6.21
C LEU B 118 -8.60 4.10 6.31
N ALA B 119 -8.05 3.01 6.83
CA ALA B 119 -8.75 1.73 6.88
C ALA B 119 -7.92 0.74 7.65
N ARG B 120 -8.56 -0.33 8.11
CA ARG B 120 -7.85 -1.55 8.47
C ARG B 120 -7.43 -2.24 7.17
N ALA B 121 -6.18 -2.68 7.14
CA ALA B 121 -5.67 -3.37 5.96
C ALA B 121 -6.42 -4.68 5.73
N PRO B 122 -6.65 -5.03 4.45
CA PRO B 122 -7.15 -6.38 4.15
C PRO B 122 -6.09 -7.40 4.51
N VAL B 123 -6.51 -8.64 4.81
CA VAL B 123 -5.62 -9.79 5.01
C VAL B 123 -4.80 -9.72 6.30
N MET B 124 -4.01 -8.66 6.45
CA MET B 124 -3.24 -8.44 7.67
C MET B 124 -4.02 -7.44 8.51
N ASN B 125 -5.13 -7.91 9.06
CA ASN B 125 -6.11 -7.00 9.63
C ASN B 125 -5.80 -6.39 11.02
N THR B 126 -4.65 -6.72 11.62
CA THR B 126 -4.20 -5.94 12.77
C THR B 126 -3.30 -4.76 12.33
N TRP B 127 -3.13 -4.60 11.03
CA TRP B 127 -2.39 -3.48 10.45
C TRP B 127 -3.39 -2.46 9.89
N PHE B 128 -2.94 -1.21 9.73
CA PHE B 128 -3.80 -0.13 9.22
C PHE B 128 -3.15 0.60 8.05
N TYR B 129 -3.96 1.01 7.08
CA TYR B 129 -3.56 1.94 6.04
C TYR B 129 -3.52 3.33 6.65
N ILE B 130 -2.45 4.08 6.35
CA ILE B 130 -2.34 5.44 6.84
C ILE B 130 -1.56 6.26 5.84
N THR B 131 -1.91 7.54 5.69
CA THR B 131 -1.11 8.43 4.86
C THR B 131 -0.86 9.72 5.63
N TYR B 132 0.05 10.54 5.11
CA TYR B 132 0.55 11.71 5.82
C TYR B 132 0.43 12.97 4.99
N GLU B 133 0.08 14.06 5.65
CA GLU B 133 -0.11 15.33 4.95
C GLU B 133 1.16 15.74 4.21
N LYS B 134 2.32 15.49 4.81
CA LYS B 134 3.61 15.83 4.21
C LYS B 134 4.22 14.69 3.38
N ASP B 135 3.57 13.52 3.37
CA ASP B 135 4.04 12.39 2.57
C ASP B 135 2.83 11.55 2.13
N PRO B 136 2.17 11.98 1.04
CA PRO B 136 0.85 11.45 0.66
C PRO B 136 0.89 10.13 -0.09
N VAL B 137 1.73 9.19 0.35
CA VAL B 137 1.63 7.85 -0.19
C VAL B 137 1.06 6.93 0.87
N LEU B 138 0.69 5.72 0.46
CA LEU B 138 0.03 4.78 1.34
C LEU B 138 1.07 4.00 2.13
N TYR B 139 0.92 4.08 3.47
CA TYR B 139 1.74 3.37 4.46
C TYR B 139 0.90 2.37 5.24
N MET B 140 1.57 1.47 5.95
CA MET B 140 0.87 0.41 6.66
C MET B 140 1.67 0.02 7.90
N TYR B 141 1.02 0.13 9.07
CA TYR B 141 1.66 -0.08 10.37
C TYR B 141 0.67 -0.75 11.33
N GLN B 142 1.20 -1.46 12.33
CA GLN B 142 0.43 -1.92 13.49
C GLN B 142 0.19 -0.77 14.49
N LEU B 143 -0.73 0.13 14.14
CA LEU B 143 -0.96 1.39 14.85
C LEU B 143 -1.51 1.25 16.29
N LEU B 144 -2.07 0.10 16.63
CA LEU B 144 -2.51 -0.14 18.01
C LEU B 144 -1.33 -0.15 18.96
N ASP B 145 -0.20 -0.69 18.48
CA ASP B 145 1.02 -0.63 19.27
C ASP B 145 1.43 0.83 19.48
N ASP B 146 1.36 1.65 18.43
CA ASP B 146 1.77 3.05 18.58
C ASP B 146 0.83 3.77 19.53
N TYR B 147 -0.45 3.45 19.42
CA TYR B 147 -1.48 4.09 20.23
C TYR B 147 -1.25 3.84 21.72
N LYS B 148 -1.00 2.58 22.07
CA LYS B 148 -0.85 2.15 23.46
C LYS B 148 0.45 2.65 24.07
N GLU B 149 1.46 2.85 23.23
CA GLU B 149 2.71 3.43 23.70
C GLU B 149 2.62 4.96 23.82
N GLY B 150 1.54 5.54 23.33
CA GLY B 150 1.38 6.99 23.33
C GLY B 150 2.11 7.71 22.20
N ASP B 151 2.34 7.00 21.09
CA ASP B 151 3.04 7.58 19.95
C ASP B 151 2.06 7.93 18.85
N LEU B 152 0.78 7.74 19.14
CA LEU B 152 -0.28 8.05 18.17
C LEU B 152 -1.42 8.74 18.89
N ARG B 153 -1.70 9.97 18.52
CA ARG B 153 -2.80 10.71 19.13
C ARG B 153 -3.88 11.01 18.11
N ILE B 154 -5.12 10.79 18.52
CA ILE B 154 -6.28 10.94 17.64
C ILE B 154 -6.89 12.33 17.75
N MET B 155 -7.23 12.93 16.61
CA MET B 155 -8.01 14.15 16.59
C MET B 155 -9.49 13.81 16.46
N SER B 174 -18.45 8.55 -7.73
CA SER B 174 -17.05 8.20 -7.50
C SER B 174 -16.16 8.42 -8.72
N LEU B 175 -14.94 8.86 -8.46
CA LEU B 175 -13.97 9.16 -9.51
C LEU B 175 -13.07 8.00 -9.87
N VAL B 176 -13.37 6.81 -9.35
CA VAL B 176 -12.54 5.64 -9.63
C VAL B 176 -12.66 5.34 -11.12
N GLY B 177 -11.54 5.05 -11.77
CA GLY B 177 -11.56 4.81 -13.21
C GLY B 177 -11.15 6.03 -14.02
N LYS B 178 -11.33 7.23 -13.46
CA LYS B 178 -10.90 8.44 -14.15
C LYS B 178 -9.37 8.58 -14.16
N GLN B 179 -8.86 9.32 -15.15
CA GLN B 179 -7.45 9.63 -15.23
C GLN B 179 -7.15 10.87 -14.40
N VAL B 180 -5.90 10.98 -13.94
CA VAL B 180 -5.42 12.23 -13.34
C VAL B 180 -4.10 12.69 -13.96
N GLU B 181 -3.90 14.00 -13.96
CA GLU B 181 -2.64 14.57 -14.41
C GLU B 181 -2.09 15.41 -13.26
N TYR B 182 -0.83 15.18 -12.92
CA TYR B 182 -0.16 15.93 -11.87
C TYR B 182 0.91 16.83 -12.48
N ALA B 183 0.92 18.11 -12.11
CA ALA B 183 1.90 19.05 -12.61
C ALA B 183 3.21 18.95 -11.84
N LYS B 184 4.16 18.22 -12.39
CA LYS B 184 5.49 18.03 -11.78
C LYS B 184 6.23 19.35 -11.68
N GLU B 185 7.17 19.43 -10.73
CA GLU B 185 7.93 20.65 -10.50
C GLU B 185 8.75 21.04 -11.73
N ASP B 186 9.23 20.02 -12.45
CA ASP B 186 9.89 20.18 -13.73
C ASP B 186 9.03 21.07 -14.64
N GLY B 187 7.73 20.83 -14.64
CA GLY B 187 6.82 21.45 -15.59
C GLY B 187 6.26 20.30 -16.41
N SER B 188 6.75 19.11 -16.07
CA SER B 188 6.29 17.88 -16.68
C SER B 188 4.89 17.57 -16.19
N LYS B 189 4.27 16.56 -16.79
CA LYS B 189 2.94 16.13 -16.39
C LYS B 189 2.98 14.63 -16.15
N ARG B 190 2.51 14.21 -14.98
CA ARG B 190 2.44 12.81 -14.66
C ARG B 190 1.00 12.35 -14.77
N THR B 191 0.78 11.26 -15.49
CA THR B 191 -0.56 10.71 -15.66
C THR B 191 -0.77 9.51 -14.74
N GLY B 192 -1.98 9.37 -14.20
CA GLY B 192 -2.32 8.23 -13.39
C GLY B 192 -3.79 7.90 -13.47
N MET B 193 -4.16 6.82 -12.79
CA MET B 193 -5.56 6.40 -12.69
C MET B 193 -5.98 6.37 -11.22
N VAL B 194 -7.20 6.82 -10.96
CA VAL B 194 -7.84 6.69 -9.67
C VAL B 194 -8.32 5.26 -9.54
N ILE B 195 -7.82 4.56 -8.53
CA ILE B 195 -8.04 3.11 -8.42
C ILE B 195 -8.90 2.69 -7.23
N HIS B 196 -9.09 3.58 -6.27
CA HIS B 196 -9.84 3.22 -5.07
C HIS B 196 -10.43 4.41 -4.33
N GLN B 197 -11.65 4.25 -3.85
CA GLN B 197 -12.26 5.26 -3.00
C GLN B 197 -12.23 4.83 -1.54
N VAL B 198 -11.70 5.69 -0.67
CA VAL B 198 -11.66 5.35 0.75
C VAL B 198 -13.10 5.33 1.31
N GLU B 199 -13.48 4.20 1.89
CA GLU B 199 -14.85 3.99 2.36
C GLU B 199 -15.23 4.89 3.54
N ALA B 200 -14.32 5.05 4.48
CA ALA B 200 -14.59 5.93 5.61
C ALA B 200 -14.48 7.39 5.23
N LYS B 201 -14.10 7.69 3.99
CA LYS B 201 -13.90 9.07 3.56
C LYS B 201 -13.92 9.22 2.04
N PRO B 202 -15.12 9.21 1.45
CA PRO B 202 -15.30 9.04 0.00
C PRO B 202 -14.75 10.16 -0.88
N SER B 203 -14.24 11.24 -0.29
CA SER B 203 -13.60 12.28 -1.10
C SER B 203 -12.10 11.99 -1.27
N VAL B 204 -11.62 11.01 -0.51
CA VAL B 204 -10.22 10.59 -0.56
C VAL B 204 -10.04 9.32 -1.40
N TYR B 205 -9.03 9.34 -2.27
CA TYR B 205 -8.82 8.28 -3.25
C TYR B 205 -7.36 7.79 -3.30
N PHE B 206 -7.17 6.54 -3.69
CA PHE B 206 -5.86 6.00 -4.04
C PHE B 206 -5.64 6.22 -5.53
N ILE B 207 -4.44 6.65 -5.87
CA ILE B 207 -4.05 6.91 -7.25
C ILE B 207 -2.75 6.18 -7.56
N LYS B 208 -2.74 5.49 -8.70
CA LYS B 208 -1.55 4.83 -9.21
C LYS B 208 -1.04 5.60 -10.42
N PHE B 209 0.17 6.16 -10.32
CA PHE B 209 0.77 6.84 -11.48
C PHE B 209 1.57 5.85 -12.28
N ASP B 210 1.54 6.00 -13.60
CA ASP B 210 2.38 5.13 -14.43
C ASP B 210 3.84 5.40 -14.08
N ASP B 211 4.65 4.35 -14.15
CA ASP B 211 6.09 4.45 -13.87
C ASP B 211 6.44 4.76 -12.41
N ASP B 212 5.46 4.60 -11.53
CA ASP B 212 5.69 4.72 -10.10
C ASP B 212 4.93 3.57 -9.41
N PHE B 213 5.62 2.80 -8.58
CA PHE B 213 4.93 1.71 -7.88
C PHE B 213 4.38 2.07 -6.47
N HIS B 214 4.43 3.34 -6.09
CA HIS B 214 3.77 3.80 -4.85
C HIS B 214 2.28 4.00 -5.12
N ILE B 215 1.49 3.97 -4.06
CA ILE B 215 0.08 4.29 -4.15
C ILE B 215 -0.09 5.66 -3.52
N TYR B 216 -0.55 6.63 -4.32
CA TYR B 216 -0.72 7.98 -3.83
C TYR B 216 -2.12 8.15 -3.27
N VAL B 217 -2.24 9.01 -2.29
CA VAL B 217 -3.51 9.21 -1.60
C VAL B 217 -3.86 10.70 -1.52
N TYR B 218 -4.95 11.09 -2.16
CA TYR B 218 -5.29 12.50 -2.22
C TYR B 218 -6.76 12.75 -2.02
N ASP B 219 -7.08 13.87 -1.39
CA ASP B 219 -8.46 14.32 -1.37
C ASP B 219 -8.72 14.98 -2.71
N LEU B 220 -9.62 14.39 -3.48
CA LEU B 220 -9.94 14.96 -4.79
C LEU B 220 -11.12 15.91 -4.71
N VAL B 221 -11.33 16.46 -3.50
CA VAL B 221 -12.27 17.56 -3.28
C VAL B 221 -11.75 18.50 -2.20
#